data_2SRC
#
_entry.id   2SRC
#
_cell.length_a   50.590
_cell.length_b   72.970
_cell.length_c   172.690
_cell.angle_alpha   90.00
_cell.angle_beta   90.00
_cell.angle_gamma   90.00
#
_symmetry.space_group_name_H-M   'P 21 21 21'
#
loop_
_entity.id
_entity.type
_entity.pdbx_description
1 polymer 'TYROSINE-PROTEIN KINASE SRC'
2 non-polymer 'PHOSPHOAMINOPHOSPHONIC ACID-ADENYLATE ESTER'
3 water water
#
_entity_poly.entity_id   1
_entity_poly.type   'polypeptide(L)'
_entity_poly.pdbx_seq_one_letter_code
;MVTTFVALYDYESRTETDLSFKKGERLQIVNNTEGDWWLAHSLSTGQTGYIPSNYVAPSDSIQAEEWYFGKITRRESERL
LLNAENPRGTFLVRESETTKGAYCLSVSDFDNAKGLNVKHYKIRKLDSGGFYITSRTQFNSLQQLVAYYSKHADGLCHRL
TTVCPTSKPQTQGLAKDAWEIPRESLRLEVKLGQGCFGEVWMGTWNGTTRVAIKTLKPGTMSPEAFLQEAQVMKKLRHEK
LVQLYAVVSEEPIYIVTEYMSKGSLLDFLKGETGKYLRLPQLVDMAAQIASGMAYVERMNYVHRDLRAANILVGENLVCK
VADFGLARLIEDNEYTARQGAKFPIKWTAPEAALYGRFTIKSDVWSFGILLTELTTKGRVPYPGMVNREVLDQVERGYRM
PCPPECPESLHDLMCQCWRKEPEERPTFEYLQAFLEDYFTSTEPQ(PTR)QPGENL
;
_entity_poly.pdbx_strand_id   A
#
# COMPACT_ATOMS: atom_id res chain seq x y z
N THR A 3 23.38 18.26 -16.89
CA THR A 3 22.91 16.93 -17.40
C THR A 3 23.03 15.82 -16.36
N THR A 4 23.54 16.15 -15.17
CA THR A 4 23.70 15.16 -14.11
C THR A 4 22.42 14.92 -13.29
N PHE A 5 22.35 13.78 -12.63
CA PHE A 5 21.22 13.43 -11.79
C PHE A 5 21.71 13.38 -10.35
N VAL A 6 20.79 13.24 -9.42
CA VAL A 6 21.15 13.17 -8.00
C VAL A 6 20.34 12.07 -7.32
N ALA A 7 20.99 11.37 -6.39
CA ALA A 7 20.32 10.29 -5.66
C ALA A 7 19.40 10.84 -4.57
N LEU A 8 18.17 10.35 -4.55
CA LEU A 8 17.18 10.78 -3.58
C LEU A 8 17.26 9.93 -2.32
N TYR A 9 17.76 8.70 -2.45
CA TYR A 9 17.90 7.79 -1.33
C TYR A 9 19.20 7.02 -1.43
N ASP A 10 19.53 6.29 -0.37
CA ASP A 10 20.72 5.43 -0.31
C ASP A 10 20.30 4.14 -1.00
N TYR A 11 21.20 3.52 -1.74
CA TYR A 11 20.87 2.25 -2.39
C TYR A 11 22.03 1.28 -2.23
N GLU A 12 21.73 0.06 -1.79
CA GLU A 12 22.77 -0.94 -1.62
C GLU A 12 22.76 -1.90 -2.81
N SER A 13 23.95 -2.15 -3.36
CA SER A 13 24.08 -3.05 -4.50
C SER A 13 23.56 -4.45 -4.16
N ARG A 14 22.79 -5.02 -5.08
CA ARG A 14 22.23 -6.36 -4.89
C ARG A 14 22.85 -7.39 -5.83
N THR A 15 23.53 -6.91 -6.88
CA THR A 15 24.15 -7.81 -7.84
C THR A 15 25.55 -7.38 -8.21
N GLU A 16 26.13 -8.13 -9.14
CA GLU A 16 27.47 -7.90 -9.65
C GLU A 16 27.52 -6.74 -10.63
N THR A 17 26.37 -6.42 -11.24
CA THR A 17 26.33 -5.36 -12.24
C THR A 17 25.60 -4.07 -11.90
N ASP A 18 25.14 -3.90 -10.66
CA ASP A 18 24.46 -2.66 -10.34
C ASP A 18 25.38 -1.77 -9.54
N LEU A 19 24.95 -0.54 -9.31
CA LEU A 19 25.77 0.41 -8.59
C LEU A 19 25.15 0.91 -7.30
N SER A 20 25.93 0.86 -6.22
CA SER A 20 25.52 1.32 -4.90
C SER A 20 25.77 2.83 -4.84
N PHE A 21 24.96 3.55 -4.07
CA PHE A 21 25.15 4.99 -3.92
C PHE A 21 24.48 5.49 -2.66
N LYS A 22 24.87 6.68 -2.23
CA LYS A 22 24.32 7.29 -1.05
C LYS A 22 23.52 8.52 -1.45
N LYS A 23 22.50 8.83 -0.66
CA LYS A 23 21.65 9.99 -0.89
C LYS A 23 22.51 11.23 -1.16
N GLY A 24 22.19 11.98 -2.20
CA GLY A 24 22.96 13.18 -2.48
C GLY A 24 24.13 13.02 -3.45
N GLU A 25 24.45 11.78 -3.81
CA GLU A 25 25.54 11.50 -4.74
C GLU A 25 25.11 11.95 -6.12
N ARG A 26 26.05 12.53 -6.88
CA ARG A 26 25.77 12.99 -8.23
C ARG A 26 26.07 11.85 -9.20
N LEU A 27 25.18 11.63 -10.14
CA LEU A 27 25.37 10.54 -11.10
C LEU A 27 25.10 10.93 -12.53
N GLN A 28 25.86 10.32 -13.43
CA GLN A 28 25.70 10.56 -14.86
C GLN A 28 25.01 9.35 -15.47
N ILE A 29 23.81 9.53 -15.99
CA ILE A 29 23.10 8.43 -16.63
C ILE A 29 23.74 8.26 -18.02
N VAL A 30 24.61 7.26 -18.12
CA VAL A 30 25.34 6.98 -19.35
C VAL A 30 24.61 6.06 -20.33
N ASN A 31 23.33 5.84 -20.06
CA ASN A 31 22.47 5.01 -20.89
C ASN A 31 21.13 4.91 -20.19
N ASN A 32 20.10 5.50 -20.77
CA ASN A 32 18.78 5.48 -20.18
C ASN A 32 17.78 4.83 -21.10
N THR A 33 18.28 4.07 -22.06
CA THR A 33 17.43 3.39 -23.04
C THR A 33 16.54 2.31 -22.42
N GLU A 34 16.47 2.30 -21.09
CA GLU A 34 15.65 1.33 -20.36
C GLU A 34 14.41 2.01 -19.76
N GLY A 35 13.87 1.43 -18.70
CA GLY A 35 12.69 1.99 -18.07
C GLY A 35 12.82 2.15 -16.57
N ASP A 36 13.00 1.03 -15.87
CA ASP A 36 13.12 1.06 -14.41
C ASP A 36 14.58 0.93 -13.94
N TRP A 37 15.46 0.41 -14.80
CA TRP A 37 16.87 0.25 -14.45
C TRP A 37 17.71 0.95 -15.51
N TRP A 38 18.49 1.95 -15.08
CA TRP A 38 19.35 2.75 -15.94
C TRP A 38 20.82 2.50 -15.65
N LEU A 39 21.66 2.58 -16.68
CA LEU A 39 23.09 2.42 -16.50
C LEU A 39 23.61 3.79 -16.05
N ALA A 40 24.32 3.83 -14.93
CA ALA A 40 24.82 5.08 -14.39
C ALA A 40 26.31 5.02 -14.03
N HIS A 41 26.90 6.20 -13.86
CA HIS A 41 28.32 6.33 -13.53
C HIS A 41 28.42 7.36 -12.42
N SER A 42 28.98 6.97 -11.28
CA SER A 42 29.12 7.88 -10.14
C SER A 42 30.25 8.88 -10.38
N LEU A 43 29.89 10.16 -10.28
CA LEU A 43 30.85 11.21 -10.49
C LEU A 43 31.81 11.38 -9.31
N SER A 44 31.47 10.77 -8.17
CA SER A 44 32.33 10.88 -6.98
C SER A 44 33.24 9.66 -6.79
N THR A 45 32.72 8.48 -7.10
CA THR A 45 33.48 7.25 -6.94
C THR A 45 34.09 6.74 -8.24
N GLY A 46 33.44 7.07 -9.36
CA GLY A 46 33.91 6.63 -10.65
C GLY A 46 33.37 5.26 -11.02
N GLN A 47 32.63 4.64 -10.09
CA GLN A 47 32.04 3.32 -10.32
C GLN A 47 30.87 3.40 -11.29
N THR A 48 30.62 2.31 -12.01
CA THR A 48 29.51 2.28 -12.96
C THR A 48 28.58 1.14 -12.60
N GLY A 49 27.37 1.14 -13.15
CA GLY A 49 26.44 0.07 -12.85
C GLY A 49 24.98 0.49 -12.90
N TYR A 50 24.09 -0.50 -12.96
CA TYR A 50 22.66 -0.23 -13.02
C TYR A 50 22.09 0.32 -11.71
N ILE A 51 21.09 1.18 -11.84
CA ILE A 51 20.44 1.78 -10.68
C ILE A 51 18.92 1.82 -10.89
N PRO A 52 18.15 1.86 -9.79
CA PRO A 52 16.70 1.92 -9.95
C PRO A 52 16.33 3.38 -10.36
N SER A 53 15.68 3.55 -11.49
CA SER A 53 15.35 4.89 -11.97
C SER A 53 14.55 5.75 -10.99
N ASN A 54 13.78 5.12 -10.10
CA ASN A 54 12.98 5.86 -9.12
C ASN A 54 13.75 6.29 -7.87
N TYR A 55 15.07 6.22 -7.92
CA TYR A 55 15.90 6.62 -6.78
C TYR A 55 16.69 7.89 -7.07
N VAL A 56 16.53 8.44 -8.28
CA VAL A 56 17.25 9.65 -8.67
C VAL A 56 16.35 10.70 -9.31
N ALA A 57 16.86 11.93 -9.37
CA ALA A 57 16.12 13.02 -10.00
C ALA A 57 17.11 13.97 -10.66
N PRO A 58 16.67 14.65 -11.73
CA PRO A 58 17.59 15.58 -12.42
C PRO A 58 18.11 16.60 -11.43
N SER A 59 19.40 16.91 -11.52
CA SER A 59 19.99 17.89 -10.63
C SER A 59 19.24 19.22 -10.81
N ASP A 60 19.05 19.94 -9.71
CA ASP A 60 18.38 21.24 -9.74
C ASP A 60 16.89 21.23 -10.12
N SER A 61 16.30 20.04 -10.24
CA SER A 61 14.88 19.95 -10.56
C SER A 61 14.15 20.11 -9.22
N ILE A 62 12.84 20.30 -9.22
CA ILE A 62 12.10 20.45 -7.97
C ILE A 62 12.01 19.05 -7.34
N GLN A 63 11.96 18.03 -8.18
CA GLN A 63 11.90 16.65 -7.71
C GLN A 63 13.19 16.29 -6.97
N ALA A 64 14.23 17.07 -7.19
CA ALA A 64 15.50 16.81 -6.53
C ALA A 64 15.42 17.30 -5.08
N GLU A 65 14.44 18.14 -4.77
CA GLU A 65 14.29 18.67 -3.42
C GLU A 65 13.88 17.58 -2.44
N GLU A 66 14.57 17.52 -1.31
CA GLU A 66 14.33 16.53 -0.27
C GLU A 66 12.92 16.59 0.30
N TRP A 67 12.37 17.79 0.37
CA TRP A 67 11.04 17.99 0.90
C TRP A 67 9.90 17.96 -0.14
N TYR A 68 10.23 17.75 -1.41
CA TYR A 68 9.21 17.71 -2.46
C TYR A 68 8.68 16.30 -2.69
N PHE A 69 7.45 16.05 -2.26
CA PHE A 69 6.85 14.73 -2.38
C PHE A 69 5.97 14.51 -3.61
N GLY A 70 5.90 15.52 -4.48
CA GLY A 70 5.12 15.40 -5.69
C GLY A 70 3.65 15.07 -5.58
N LYS A 71 3.24 14.02 -6.31
CA LYS A 71 1.85 13.57 -6.36
C LYS A 71 1.38 12.60 -5.26
N ILE A 72 1.49 13.03 -4.00
CA ILE A 72 1.03 12.22 -2.87
C ILE A 72 -0.28 12.85 -2.42
N THR A 73 -1.26 12.02 -2.06
CA THR A 73 -2.55 12.54 -1.63
C THR A 73 -2.43 13.24 -0.27
N ARG A 74 -3.50 13.92 0.13
CA ARG A 74 -3.51 14.62 1.41
C ARG A 74 -3.53 13.59 2.54
N ARG A 75 -4.27 12.51 2.36
CA ARG A 75 -4.36 11.46 3.37
C ARG A 75 -3.00 10.78 3.60
N GLU A 76 -2.33 10.41 2.51
CA GLU A 76 -1.03 9.76 2.62
C GLU A 76 0.03 10.66 3.25
N SER A 77 -0.02 11.95 2.92
CA SER A 77 0.93 12.88 3.50
C SER A 77 0.68 13.00 5.01
N GLU A 78 -0.59 12.88 5.42
CA GLU A 78 -0.95 12.98 6.82
C GLU A 78 -0.42 11.80 7.62
N ARG A 79 -0.51 10.60 7.06
CA ARG A 79 -0.01 9.41 7.74
C ARG A 79 1.49 9.52 8.02
N LEU A 80 2.23 10.08 7.06
CA LEU A 80 3.67 10.24 7.21
C LEU A 80 4.04 11.33 8.21
N LEU A 81 3.31 12.44 8.15
CA LEU A 81 3.63 13.56 9.02
C LEU A 81 3.26 13.31 10.47
N LEU A 82 2.22 12.51 10.69
CA LEU A 82 1.74 12.21 12.04
C LEU A 82 2.55 11.14 12.76
N ASN A 83 3.67 10.74 12.18
CA ASN A 83 4.50 9.74 12.83
C ASN A 83 5.02 10.28 14.15
N ALA A 84 4.85 9.50 15.21
CA ALA A 84 5.24 9.89 16.57
C ALA A 84 6.62 10.49 16.74
N GLU A 85 7.59 10.04 15.95
CA GLU A 85 8.94 10.56 16.06
C GLU A 85 9.17 11.95 15.50
N ASN A 86 8.28 12.40 14.62
CA ASN A 86 8.42 13.72 13.97
C ASN A 86 8.34 14.94 14.88
N PRO A 87 9.40 15.75 14.93
CA PRO A 87 9.33 16.94 15.78
C PRO A 87 8.25 17.87 15.21
N ARG A 88 7.84 18.85 15.98
CA ARG A 88 6.81 19.79 15.51
C ARG A 88 7.42 20.61 14.37
N GLY A 89 6.61 21.00 13.41
CA GLY A 89 7.11 21.76 12.29
C GLY A 89 7.69 20.91 11.17
N THR A 90 7.46 19.59 11.23
CA THR A 90 7.93 18.66 10.21
C THR A 90 7.04 18.91 8.99
N PHE A 91 7.63 18.99 7.80
CA PHE A 91 6.86 19.31 6.61
C PHE A 91 7.21 18.58 5.33
N LEU A 92 6.43 18.87 4.31
CA LEU A 92 6.62 18.34 2.98
C LEU A 92 5.78 19.22 2.05
N VAL A 93 6.14 19.24 0.77
CA VAL A 93 5.40 20.01 -0.21
C VAL A 93 4.94 19.01 -1.26
N ARG A 94 3.70 19.16 -1.72
CA ARG A 94 3.15 18.26 -2.72
C ARG A 94 2.26 19.02 -3.70
N GLU A 95 1.79 18.33 -4.72
CA GLU A 95 0.89 18.92 -5.71
C GLU A 95 -0.51 18.97 -5.11
N SER A 96 -1.24 20.05 -5.40
CA SER A 96 -2.61 20.18 -4.91
C SER A 96 -3.50 19.27 -5.76
N GLU A 97 -4.48 18.64 -5.14
CA GLU A 97 -5.39 17.77 -5.86
C GLU A 97 -6.59 18.54 -6.43
N THR A 98 -7.02 19.59 -5.74
CA THR A 98 -8.17 20.41 -6.15
C THR A 98 -7.87 21.54 -7.15
N THR A 99 -6.62 21.99 -7.20
CA THR A 99 -6.23 23.06 -8.11
C THR A 99 -4.98 22.71 -8.90
N LYS A 100 -5.15 22.34 -10.16
CA LYS A 100 -4.04 21.98 -11.04
C LYS A 100 -3.01 23.12 -11.10
N GLY A 101 -1.73 22.77 -11.16
CA GLY A 101 -0.70 23.80 -11.22
C GLY A 101 -0.35 24.40 -9.87
N ALA A 102 -1.18 24.09 -8.87
CA ALA A 102 -0.95 24.60 -7.52
C ALA A 102 -0.22 23.56 -6.67
N TYR A 103 0.36 24.01 -5.58
CA TYR A 103 1.10 23.14 -4.67
C TYR A 103 0.51 23.26 -3.27
N CYS A 104 1.08 22.53 -2.33
CA CYS A 104 0.60 22.55 -0.96
C CYS A 104 1.70 22.22 0.05
N LEU A 105 1.78 23.04 1.10
CA LEU A 105 2.74 22.84 2.15
C LEU A 105 1.99 22.25 3.35
N SER A 106 2.32 21.00 3.69
CA SER A 106 1.68 20.32 4.82
C SER A 106 2.65 20.33 6.00
N VAL A 107 2.14 20.74 7.18
CA VAL A 107 2.98 20.84 8.37
C VAL A 107 2.41 20.16 9.60
N SER A 108 3.28 19.54 10.40
CA SER A 108 2.87 18.85 11.62
C SER A 108 2.84 19.86 12.78
N ASP A 109 1.79 19.78 13.58
CA ASP A 109 1.60 20.69 14.71
C ASP A 109 0.99 19.99 15.91
N PHE A 110 1.10 20.60 17.09
CA PHE A 110 0.55 20.04 18.32
C PHE A 110 -0.30 21.09 19.05
N ASP A 111 -1.53 20.72 19.34
CA ASP A 111 -2.46 21.59 20.03
C ASP A 111 -2.74 21.02 21.43
N ASN A 112 -2.73 21.87 22.45
CA ASN A 112 -3.01 21.39 23.81
C ASN A 112 -4.49 21.10 23.96
N ALA A 113 -5.22 21.31 22.87
CA ALA A 113 -6.66 21.08 22.83
C ALA A 113 -7.02 20.42 21.49
N LYS A 114 -6.14 19.53 21.03
CA LYS A 114 -6.32 18.82 19.77
C LYS A 114 -5.14 17.87 19.57
N GLY A 115 -4.09 18.06 20.35
CA GLY A 115 -2.90 17.23 20.24
C GLY A 115 -2.23 17.34 18.88
N LEU A 116 -1.56 16.29 18.47
CA LEU A 116 -0.86 16.25 17.18
C LEU A 116 -1.86 16.43 16.04
N ASN A 117 -1.50 17.25 15.06
CA ASN A 117 -2.39 17.51 13.91
C ASN A 117 -1.63 18.09 12.73
N VAL A 118 -2.20 17.97 11.54
CA VAL A 118 -1.56 18.48 10.32
C VAL A 118 -2.28 19.68 9.73
N LYS A 119 -1.52 20.72 9.36
CA LYS A 119 -2.09 21.91 8.76
C LYS A 119 -1.66 21.97 7.29
N HIS A 120 -2.62 22.22 6.41
CA HIS A 120 -2.36 22.29 4.98
C HIS A 120 -2.49 23.71 4.44
N TYR A 121 -1.51 24.14 3.66
CA TYR A 121 -1.51 25.47 3.06
C TYR A 121 -1.32 25.40 1.54
N LYS A 122 -2.33 25.84 0.79
CA LYS A 122 -2.26 25.81 -0.66
C LYS A 122 -1.35 26.92 -1.19
N ILE A 123 -0.46 26.53 -2.10
CA ILE A 123 0.47 27.49 -2.68
C ILE A 123 0.01 27.81 -4.09
N ARG A 124 -0.35 29.08 -4.31
CA ARG A 124 -0.79 29.50 -5.63
C ARG A 124 0.33 30.22 -6.35
N LYS A 125 0.34 30.09 -7.68
CA LYS A 125 1.35 30.72 -8.50
C LYS A 125 0.64 31.78 -9.35
N LEU A 126 0.89 33.05 -9.05
CA LEU A 126 0.27 34.17 -9.76
C LEU A 126 0.43 34.12 -11.29
N ASP A 127 -0.19 35.10 -11.97
CA ASP A 127 -0.11 35.21 -13.43
C ASP A 127 1.29 35.72 -13.77
N SER A 128 1.78 36.62 -12.93
CA SER A 128 3.12 37.20 -13.09
C SER A 128 4.17 36.09 -12.94
N GLY A 129 4.22 35.50 -11.75
CA GLY A 129 5.16 34.42 -11.50
C GLY A 129 5.39 34.10 -10.03
N GLY A 130 4.98 35.01 -9.14
CA GLY A 130 5.18 34.78 -7.72
C GLY A 130 4.54 33.52 -7.13
N PHE A 131 5.11 33.03 -6.03
CA PHE A 131 4.61 31.85 -5.34
C PHE A 131 4.22 32.35 -3.96
N TYR A 132 3.03 32.03 -3.50
CA TYR A 132 2.64 32.52 -2.19
C TYR A 132 1.57 31.70 -1.46
N ILE A 133 1.58 31.85 -0.14
CA ILE A 133 0.63 31.21 0.76
C ILE A 133 -0.24 32.42 1.12
N THR A 134 0.43 33.51 1.51
CA THR A 134 -0.23 34.76 1.85
C THR A 134 0.21 35.79 0.81
N SER A 135 -0.72 36.60 0.32
CA SER A 135 -0.41 37.60 -0.70
C SER A 135 0.64 38.63 -0.29
N ARG A 136 0.82 38.82 1.01
CA ARG A 136 1.81 39.78 1.51
C ARG A 136 3.23 39.25 1.46
N THR A 137 3.41 38.05 0.92
CA THR A 137 4.75 37.45 0.80
C THR A 137 4.81 36.45 -0.34
N GLN A 138 5.50 36.83 -1.41
CA GLN A 138 5.64 35.96 -2.59
C GLN A 138 7.10 35.62 -2.83
N PHE A 139 7.35 34.57 -3.61
CA PHE A 139 8.70 34.11 -3.93
C PHE A 139 8.74 33.62 -5.38
N ASN A 140 9.91 33.71 -6.01
CA ASN A 140 10.06 33.28 -7.40
C ASN A 140 10.20 31.77 -7.56
N SER A 141 10.21 31.04 -6.45
CA SER A 141 10.33 29.59 -6.51
C SER A 141 9.88 28.94 -5.22
N LEU A 142 9.55 27.65 -5.33
CA LEU A 142 9.11 26.86 -4.18
C LEU A 142 10.26 26.78 -3.17
N GLN A 143 11.48 26.57 -3.66
CA GLN A 143 12.61 26.48 -2.75
C GLN A 143 12.88 27.78 -1.99
N GLN A 144 12.49 28.91 -2.57
CA GLN A 144 12.67 30.19 -1.90
C GLN A 144 11.66 30.27 -0.78
N LEU A 145 10.43 29.92 -1.11
CA LEU A 145 9.33 29.91 -0.13
C LEU A 145 9.74 29.08 1.08
N VAL A 146 10.10 27.82 0.83
CA VAL A 146 10.51 26.91 1.90
C VAL A 146 11.67 27.47 2.74
N ALA A 147 12.61 28.13 2.09
CA ALA A 147 13.75 28.69 2.80
C ALA A 147 13.33 29.81 3.76
N TYR A 148 12.28 30.54 3.39
CA TYR A 148 11.80 31.64 4.22
C TYR A 148 11.16 31.15 5.53
N TYR A 149 10.19 30.25 5.40
CA TYR A 149 9.47 29.71 6.55
C TYR A 149 10.29 28.76 7.41
N SER A 150 11.54 28.53 7.01
CA SER A 150 12.44 27.69 7.78
C SER A 150 13.11 28.61 8.80
N LYS A 151 13.00 29.92 8.56
CA LYS A 151 13.59 30.91 9.46
C LYS A 151 12.53 31.62 10.28
N HIS A 152 11.36 31.85 9.68
CA HIS A 152 10.28 32.55 10.37
C HIS A 152 8.94 31.94 10.02
N ALA A 153 8.16 31.60 11.05
CA ALA A 153 6.84 31.03 10.84
C ALA A 153 5.94 32.01 10.05
N ASP A 154 6.06 33.29 10.35
CA ASP A 154 5.29 34.32 9.65
C ASP A 154 3.88 33.92 9.27
N GLY A 155 3.04 33.61 10.25
CA GLY A 155 1.67 33.23 9.93
C GLY A 155 1.37 31.74 9.86
N LEU A 156 2.41 30.92 9.75
CA LEU A 156 2.19 29.47 9.69
C LEU A 156 2.13 28.93 11.12
N CYS A 157 1.53 27.75 11.28
CA CYS A 157 1.39 27.13 12.60
C CYS A 157 2.70 26.93 13.35
N HIS A 158 3.82 26.89 12.64
CA HIS A 158 5.12 26.69 13.26
C HIS A 158 6.20 26.89 12.21
N ARG A 159 7.41 27.26 12.64
CA ARG A 159 8.50 27.44 11.68
C ARG A 159 8.79 26.06 11.07
N LEU A 160 9.13 26.04 9.78
CA LEU A 160 9.45 24.77 9.11
C LEU A 160 10.76 24.31 9.74
N THR A 161 10.72 23.14 10.37
CA THR A 161 11.90 22.62 11.06
C THR A 161 12.59 21.38 10.50
N THR A 162 11.82 20.34 10.19
CA THR A 162 12.39 19.08 9.71
C THR A 162 11.69 18.54 8.48
N VAL A 163 12.46 18.01 7.54
CA VAL A 163 11.88 17.43 6.33
C VAL A 163 11.24 16.09 6.72
N CYS A 164 10.02 15.85 6.25
CA CYS A 164 9.30 14.64 6.54
C CYS A 164 10.07 13.40 6.10
N PRO A 165 10.39 12.50 7.04
CA PRO A 165 11.12 11.31 6.62
C PRO A 165 10.19 10.35 5.90
N THR A 166 10.79 9.50 5.07
CA THR A 166 10.02 8.53 4.32
C THR A 166 10.87 7.28 4.11
N SER A 167 10.24 6.21 3.66
CA SER A 167 10.95 4.95 3.43
C SER A 167 11.35 4.82 1.96
N LYS A 168 12.46 4.13 1.71
CA LYS A 168 12.95 3.90 0.36
C LYS A 168 11.83 3.28 -0.46
N PRO A 169 11.67 3.71 -1.73
CA PRO A 169 10.60 3.12 -2.55
C PRO A 169 11.01 1.76 -3.07
N GLN A 170 10.02 0.96 -3.43
CA GLN A 170 10.27 -0.36 -3.98
C GLN A 170 10.82 -0.18 -5.38
N THR A 171 11.82 -0.97 -5.74
CA THR A 171 12.38 -0.91 -7.07
C THR A 171 11.41 -1.77 -7.85
N GLN A 172 11.38 -1.63 -9.17
CA GLN A 172 10.50 -2.46 -9.97
C GLN A 172 11.32 -3.68 -10.37
N GLY A 173 11.12 -4.77 -9.62
CA GLY A 173 11.87 -5.99 -9.86
C GLY A 173 13.07 -6.01 -8.92
N LEU A 174 13.68 -7.17 -8.75
CA LEU A 174 14.84 -7.27 -7.88
C LEU A 174 16.06 -6.63 -8.53
N ALA A 175 16.12 -6.69 -9.85
CA ALA A 175 17.23 -6.14 -10.59
C ALA A 175 16.87 -6.13 -12.07
N LYS A 176 17.73 -5.54 -12.88
CA LYS A 176 17.51 -5.46 -14.32
C LYS A 176 17.29 -6.85 -14.93
N ASP A 177 16.19 -7.02 -15.66
CA ASP A 177 15.85 -8.27 -16.33
C ASP A 177 15.63 -9.51 -15.47
N ALA A 178 15.48 -9.34 -14.16
CA ALA A 178 15.24 -10.48 -13.26
C ALA A 178 13.74 -10.77 -13.12
N TRP A 179 13.34 -12.01 -13.42
CA TRP A 179 11.93 -12.41 -13.33
C TRP A 179 11.81 -13.90 -13.00
N GLU A 180 12.07 -14.75 -13.99
CA GLU A 180 12.04 -16.21 -13.79
C GLU A 180 13.46 -16.48 -13.32
N ILE A 181 13.64 -16.56 -12.01
CA ILE A 181 14.96 -16.75 -11.40
C ILE A 181 15.32 -18.19 -11.05
N PRO A 182 16.63 -18.48 -10.93
CA PRO A 182 17.11 -19.82 -10.59
C PRO A 182 16.79 -20.18 -9.14
N ARG A 183 16.28 -21.40 -8.92
CA ARG A 183 15.94 -21.87 -7.58
C ARG A 183 17.07 -21.66 -6.57
N GLU A 184 18.30 -21.83 -7.01
CA GLU A 184 19.46 -21.67 -6.13
C GLU A 184 19.80 -20.23 -5.73
N SER A 185 19.13 -19.24 -6.31
CA SER A 185 19.44 -17.85 -5.95
C SER A 185 18.76 -17.44 -4.65
N LEU A 186 18.01 -18.35 -4.04
CA LEU A 186 17.32 -18.03 -2.79
C LEU A 186 17.72 -18.89 -1.58
N ARG A 187 17.79 -18.27 -0.41
CA ARG A 187 18.10 -18.97 0.81
C ARG A 187 16.97 -18.75 1.80
N LEU A 188 16.33 -19.84 2.23
CA LEU A 188 15.23 -19.75 3.20
C LEU A 188 15.84 -19.64 4.58
N GLU A 189 15.36 -18.68 5.36
CA GLU A 189 15.93 -18.47 6.70
C GLU A 189 15.00 -18.64 7.89
N VAL A 190 13.82 -18.06 7.83
CA VAL A 190 12.87 -18.15 8.93
C VAL A 190 11.47 -18.48 8.44
N LYS A 191 10.94 -19.62 8.87
CA LYS A 191 9.60 -20.05 8.48
C LYS A 191 8.61 -19.03 9.06
N LEU A 192 7.77 -18.47 8.20
CA LEU A 192 6.80 -17.49 8.67
C LEU A 192 5.45 -18.15 8.92
N GLY A 193 5.17 -19.20 8.16
CA GLY A 193 3.89 -19.88 8.34
C GLY A 193 3.60 -20.97 7.34
N GLN A 194 2.52 -21.69 7.61
CA GLN A 194 2.08 -22.79 6.77
C GLN A 194 0.62 -22.59 6.37
N GLY A 195 0.39 -22.24 5.11
CA GLY A 195 -0.97 -22.06 4.63
C GLY A 195 -1.54 -23.43 4.36
N CYS A 196 -2.45 -23.53 3.40
CA CYS A 196 -3.06 -24.81 3.09
C CYS A 196 -2.39 -25.53 1.91
N PHE A 197 -1.76 -24.76 1.02
CA PHE A 197 -1.12 -25.33 -0.16
C PHE A 197 0.38 -25.10 -0.26
N GLY A 198 1.01 -24.71 0.86
CA GLY A 198 2.44 -24.47 0.86
C GLY A 198 2.93 -23.78 2.13
N GLU A 199 4.14 -23.24 2.08
CA GLU A 199 4.70 -22.56 3.24
C GLU A 199 5.21 -21.19 2.84
N VAL A 200 5.52 -20.37 3.84
CA VAL A 200 6.06 -19.05 3.56
C VAL A 200 7.28 -18.86 4.46
N TRP A 201 8.36 -18.33 3.88
CA TRP A 201 9.60 -18.09 4.61
C TRP A 201 10.16 -16.71 4.36
N MET A 202 10.89 -16.20 5.34
CA MET A 202 11.58 -14.94 5.17
C MET A 202 12.94 -15.41 4.66
N GLY A 203 13.46 -14.78 3.62
CA GLY A 203 14.73 -15.23 3.10
C GLY A 203 15.59 -14.19 2.43
N THR A 204 16.50 -14.65 1.59
CA THR A 204 17.44 -13.78 0.88
C THR A 204 17.64 -14.16 -0.58
N TRP A 205 17.68 -13.14 -1.45
CA TRP A 205 17.90 -13.35 -2.88
C TRP A 205 19.31 -12.90 -3.24
N ASN A 206 19.99 -13.71 -4.04
CA ASN A 206 21.35 -13.44 -4.48
C ASN A 206 22.31 -13.13 -3.34
N GLY A 207 21.93 -13.56 -2.13
CA GLY A 207 22.76 -13.31 -0.96
C GLY A 207 22.82 -11.87 -0.54
N THR A 208 21.90 -11.04 -1.05
CA THR A 208 21.91 -9.62 -0.68
C THR A 208 20.56 -9.00 -0.32
N THR A 209 19.49 -9.42 -0.99
CA THR A 209 18.16 -8.85 -0.78
C THR A 209 17.18 -9.64 0.07
N ARG A 210 16.60 -8.97 1.05
CA ARG A 210 15.60 -9.57 1.94
C ARG A 210 14.28 -9.72 1.18
N VAL A 211 13.71 -10.92 1.18
CA VAL A 211 12.45 -11.16 0.50
C VAL A 211 11.60 -12.16 1.28
N ALA A 212 10.38 -12.37 0.80
CA ALA A 212 9.48 -13.34 1.39
C ALA A 212 9.33 -14.38 0.29
N ILE A 213 9.42 -15.66 0.64
CA ILE A 213 9.29 -16.72 -0.33
C ILE A 213 8.15 -17.70 0.00
N LYS A 214 7.20 -17.83 -0.91
CA LYS A 214 6.09 -18.77 -0.71
C LYS A 214 6.33 -19.98 -1.59
N THR A 215 6.20 -21.15 -0.99
CA THR A 215 6.40 -22.41 -1.70
C THR A 215 5.06 -23.14 -1.89
N LEU A 216 4.84 -23.69 -3.09
CA LEU A 216 3.63 -24.43 -3.38
C LEU A 216 3.94 -25.91 -3.52
N LYS A 217 3.21 -26.74 -2.78
CA LYS A 217 3.40 -28.18 -2.83
C LYS A 217 3.11 -28.69 -4.24
N PRO A 218 3.95 -29.60 -4.74
CA PRO A 218 3.72 -30.12 -6.09
C PRO A 218 2.30 -30.65 -6.25
N GLY A 219 1.71 -30.44 -7.42
CA GLY A 219 0.36 -30.91 -7.66
C GLY A 219 -0.73 -29.87 -7.37
N THR A 220 -0.33 -28.75 -6.77
CA THR A 220 -1.25 -27.66 -6.43
C THR A 220 -1.88 -26.98 -7.64
N MET A 221 -1.03 -26.55 -8.56
CA MET A 221 -1.46 -25.88 -9.77
C MET A 221 -0.40 -26.10 -10.84
N SER A 222 -0.82 -26.10 -12.09
CA SER A 222 0.10 -26.30 -13.21
C SER A 222 1.02 -25.10 -13.43
N PRO A 223 2.34 -25.34 -13.49
CA PRO A 223 3.33 -24.27 -13.71
C PRO A 223 3.05 -23.40 -14.95
N GLU A 224 2.54 -24.02 -16.02
CA GLU A 224 2.24 -23.30 -17.25
C GLU A 224 1.16 -22.25 -17.00
N ALA A 225 0.03 -22.67 -16.43
CA ALA A 225 -1.07 -21.76 -16.12
C ALA A 225 -0.58 -20.73 -15.11
N PHE A 226 0.24 -21.19 -14.16
CA PHE A 226 0.78 -20.31 -13.13
C PHE A 226 1.61 -19.21 -13.79
N LEU A 227 2.46 -19.59 -14.74
CA LEU A 227 3.32 -18.62 -15.43
C LEU A 227 2.51 -17.58 -16.22
N GLN A 228 1.41 -18.01 -16.81
CA GLN A 228 0.58 -17.08 -17.56
C GLN A 228 -0.05 -16.07 -16.62
N GLU A 229 -0.54 -16.56 -15.49
CA GLU A 229 -1.17 -15.67 -14.51
C GLU A 229 -0.16 -14.73 -13.84
N ALA A 230 1.06 -15.22 -13.59
CA ALA A 230 2.11 -14.40 -12.96
C ALA A 230 2.46 -13.21 -13.85
N GLN A 231 2.31 -13.39 -15.16
CA GLN A 231 2.58 -12.34 -16.14
C GLN A 231 1.61 -11.18 -15.95
N VAL A 232 0.35 -11.51 -15.64
CA VAL A 232 -0.68 -10.51 -15.43
C VAL A 232 -0.46 -9.78 -14.10
N MET A 233 -0.30 -10.55 -13.04
CA MET A 233 -0.09 -10.00 -11.71
C MET A 233 1.16 -9.13 -11.67
N LYS A 234 2.14 -9.45 -12.51
CA LYS A 234 3.38 -8.70 -12.58
C LYS A 234 3.16 -7.23 -12.99
N LYS A 235 2.12 -6.99 -13.79
CA LYS A 235 1.80 -5.64 -14.26
C LYS A 235 1.02 -4.81 -13.24
N LEU A 236 0.59 -5.42 -12.14
CA LEU A 236 -0.16 -4.69 -11.10
C LEU A 236 0.76 -4.00 -10.11
N ARG A 237 0.80 -2.66 -10.13
CA ARG A 237 1.64 -1.92 -9.20
C ARG A 237 0.85 -0.83 -8.51
N HIS A 238 0.84 -0.88 -7.18
CA HIS A 238 0.11 0.08 -6.38
C HIS A 238 0.69 0.00 -4.98
N GLU A 239 0.75 1.15 -4.30
CA GLU A 239 1.31 1.24 -2.95
C GLU A 239 0.57 0.43 -1.86
N LYS A 240 -0.64 -0.03 -2.16
CA LYS A 240 -1.42 -0.81 -1.21
C LYS A 240 -1.58 -2.25 -1.70
N LEU A 241 -0.64 -2.70 -2.52
CA LEU A 241 -0.61 -4.06 -3.05
C LEU A 241 0.81 -4.59 -2.84
N VAL A 242 0.93 -5.81 -2.28
CA VAL A 242 2.25 -6.41 -2.08
C VAL A 242 2.82 -6.72 -3.46
N GLN A 243 4.03 -6.25 -3.77
CA GLN A 243 4.62 -6.48 -5.09
C GLN A 243 5.16 -7.89 -5.33
N LEU A 244 4.85 -8.44 -6.51
CA LEU A 244 5.35 -9.75 -6.92
C LEU A 244 6.69 -9.44 -7.60
N TYR A 245 7.78 -9.94 -7.01
CA TYR A 245 9.14 -9.72 -7.51
C TYR A 245 9.65 -10.69 -8.57
N ALA A 246 9.50 -11.98 -8.31
CA ALA A 246 10.01 -12.98 -9.23
C ALA A 246 9.38 -14.33 -8.95
N VAL A 247 9.63 -15.29 -9.83
CA VAL A 247 9.07 -16.61 -9.65
C VAL A 247 10.01 -17.71 -10.14
N VAL A 248 9.75 -18.93 -9.66
CA VAL A 248 10.47 -20.14 -10.09
C VAL A 248 9.27 -20.98 -10.53
N SER A 249 9.00 -20.97 -11.84
CA SER A 249 7.86 -21.65 -12.45
C SER A 249 7.76 -23.17 -12.40
N GLU A 250 8.85 -23.87 -12.12
CA GLU A 250 8.77 -25.32 -12.07
C GLU A 250 8.54 -25.82 -10.65
N GLU A 251 7.83 -26.94 -10.54
CA GLU A 251 7.53 -27.52 -9.24
C GLU A 251 8.77 -28.01 -8.49
N PRO A 252 8.86 -27.72 -7.17
CA PRO A 252 7.88 -26.96 -6.37
C PRO A 252 7.95 -25.45 -6.66
N ILE A 253 6.82 -24.88 -7.06
CA ILE A 253 6.73 -23.46 -7.41
C ILE A 253 7.09 -22.49 -6.29
N TYR A 254 7.85 -21.45 -6.65
CA TYR A 254 8.26 -20.41 -5.70
C TYR A 254 7.61 -19.09 -6.10
N ILE A 255 7.17 -18.32 -5.11
CA ILE A 255 6.59 -17.00 -5.36
C ILE A 255 7.32 -16.00 -4.45
N VAL A 256 8.13 -15.13 -5.07
CA VAL A 256 8.92 -14.15 -4.33
C VAL A 256 8.26 -12.78 -4.31
N THR A 257 7.92 -12.30 -3.11
CA THR A 257 7.27 -11.01 -2.95
C THR A 257 8.00 -10.19 -1.90
N GLU A 258 7.56 -8.96 -1.68
CA GLU A 258 8.20 -8.10 -0.69
C GLU A 258 7.84 -8.61 0.72
N TYR A 259 8.82 -8.60 1.60
CA TYR A 259 8.63 -9.07 2.98
C TYR A 259 8.03 -8.01 3.91
N MET A 260 6.90 -8.34 4.52
CA MET A 260 6.21 -7.44 5.44
C MET A 260 6.51 -7.93 6.86
N SER A 261 7.43 -7.24 7.51
CA SER A 261 7.87 -7.58 8.86
C SER A 261 6.80 -7.67 9.95
N LYS A 262 5.80 -6.80 9.91
CA LYS A 262 4.73 -6.80 10.92
C LYS A 262 3.74 -7.95 10.80
N GLY A 263 3.86 -8.78 9.76
CA GLY A 263 2.96 -9.91 9.59
C GLY A 263 1.55 -9.59 9.08
N SER A 264 0.66 -10.56 9.19
CA SER A 264 -0.73 -10.43 8.73
C SER A 264 -1.62 -9.56 9.63
N LEU A 265 -2.69 -9.02 9.04
CA LEU A 265 -3.63 -8.18 9.78
C LEU A 265 -4.42 -8.99 10.81
N LEU A 266 -4.74 -10.23 10.46
CA LEU A 266 -5.49 -11.10 11.37
C LEU A 266 -4.76 -11.24 12.70
N ASP A 267 -3.50 -11.66 12.65
CA ASP A 267 -2.70 -11.85 13.86
C ASP A 267 -2.40 -10.53 14.58
N PHE A 268 -2.25 -9.45 13.82
CA PHE A 268 -2.00 -8.11 14.39
C PHE A 268 -3.26 -7.65 15.12
N LEU A 269 -4.41 -8.13 14.66
CA LEU A 269 -5.70 -7.77 15.23
C LEU A 269 -5.86 -8.43 16.60
N LYS A 270 -5.47 -9.69 16.70
CA LYS A 270 -5.56 -10.41 17.95
C LYS A 270 -4.24 -10.31 18.72
N GLY A 271 -4.32 -10.27 20.04
CA GLY A 271 -3.10 -10.19 20.83
C GLY A 271 -2.88 -8.86 21.51
N GLU A 272 -1.62 -8.48 21.65
CA GLU A 272 -1.29 -7.23 22.31
C GLU A 272 -1.08 -6.08 21.32
N THR A 273 -0.62 -6.41 20.12
CA THR A 273 -0.38 -5.39 19.09
C THR A 273 -1.64 -4.56 18.85
N GLY A 274 -2.80 -5.20 18.98
CA GLY A 274 -4.06 -4.51 18.78
C GLY A 274 -4.89 -4.46 20.04
N LYS A 275 -4.29 -3.93 21.12
CA LYS A 275 -4.99 -3.81 22.41
C LYS A 275 -5.62 -2.43 22.55
N TYR A 276 -4.84 -1.39 22.28
CA TYR A 276 -5.33 -0.02 22.38
C TYR A 276 -5.78 0.48 21.01
N LEU A 277 -6.08 -0.44 20.09
CA LEU A 277 -6.50 -0.05 18.76
C LEU A 277 -7.93 0.50 18.81
N ARG A 278 -8.08 1.77 18.47
CA ARG A 278 -9.39 2.39 18.49
C ARG A 278 -10.01 2.52 17.09
N LEU A 279 -11.30 2.83 17.07
CA LEU A 279 -12.08 2.97 15.84
C LEU A 279 -11.40 3.74 14.71
N PRO A 280 -10.84 4.92 15.00
CA PRO A 280 -10.17 5.69 13.96
C PRO A 280 -9.05 4.91 13.26
N GLN A 281 -8.31 4.11 14.02
CA GLN A 281 -7.23 3.32 13.43
C GLN A 281 -7.76 2.22 12.54
N LEU A 282 -8.73 1.48 13.05
CA LEU A 282 -9.31 0.39 12.30
C LEU A 282 -9.97 0.84 11.01
N VAL A 283 -10.61 2.02 11.04
CA VAL A 283 -11.27 2.55 9.86
C VAL A 283 -10.23 3.00 8.82
N ASP A 284 -9.09 3.50 9.28
CA ASP A 284 -8.03 3.93 8.35
C ASP A 284 -7.43 2.70 7.62
N MET A 285 -7.28 1.60 8.34
CA MET A 285 -6.76 0.35 7.78
C MET A 285 -7.74 -0.16 6.73
N ALA A 286 -9.03 -0.05 7.03
CA ALA A 286 -10.07 -0.47 6.09
C ALA A 286 -10.02 0.40 4.86
N ALA A 287 -9.73 1.69 5.05
CA ALA A 287 -9.64 2.64 3.95
C ALA A 287 -8.47 2.29 3.02
N GLN A 288 -7.35 1.88 3.62
CA GLN A 288 -6.17 1.48 2.85
C GLN A 288 -6.49 0.23 2.04
N ILE A 289 -7.19 -0.70 2.66
CA ILE A 289 -7.56 -1.93 1.97
C ILE A 289 -8.49 -1.62 0.80
N ALA A 290 -9.46 -0.72 0.99
CA ALA A 290 -10.39 -0.35 -0.08
C ALA A 290 -9.63 0.37 -1.20
N SER A 291 -8.57 1.08 -0.85
CA SER A 291 -7.74 1.80 -1.81
C SER A 291 -7.04 0.82 -2.77
N GLY A 292 -6.47 -0.24 -2.20
CA GLY A 292 -5.81 -1.25 -3.02
C GLY A 292 -6.81 -2.03 -3.87
N MET A 293 -7.98 -2.32 -3.29
CA MET A 293 -9.01 -3.04 -4.02
C MET A 293 -9.68 -2.18 -5.10
N ALA A 294 -9.63 -0.87 -4.92
CA ALA A 294 -10.21 0.04 -5.91
C ALA A 294 -9.26 0.05 -7.11
N TYR A 295 -7.97 -0.12 -6.85
CA TYR A 295 -6.98 -0.19 -7.92
C TYR A 295 -7.26 -1.48 -8.67
N VAL A 296 -7.45 -2.56 -7.92
CA VAL A 296 -7.74 -3.88 -8.50
C VAL A 296 -8.98 -3.73 -9.38
N GLU A 297 -9.97 -3.00 -8.87
CA GLU A 297 -11.21 -2.71 -9.59
C GLU A 297 -10.94 -1.95 -10.90
N ARG A 298 -10.16 -0.87 -10.81
CA ARG A 298 -9.81 -0.04 -11.97
C ARG A 298 -9.13 -0.87 -13.06
N MET A 299 -8.31 -1.83 -12.62
CA MET A 299 -7.56 -2.69 -13.52
C MET A 299 -8.35 -3.89 -14.05
N ASN A 300 -9.62 -3.98 -13.69
CA ASN A 300 -10.46 -5.07 -14.14
C ASN A 300 -9.95 -6.45 -13.70
N TYR A 301 -9.41 -6.51 -12.49
CA TYR A 301 -8.88 -7.75 -11.94
C TYR A 301 -9.82 -8.27 -10.83
N VAL A 302 -9.58 -9.48 -10.32
CA VAL A 302 -10.41 -10.06 -9.27
C VAL A 302 -9.47 -10.72 -8.26
N HIS A 303 -9.68 -10.45 -6.97
CA HIS A 303 -8.83 -11.04 -5.93
C HIS A 303 -9.12 -12.53 -5.71
N ARG A 304 -10.37 -12.85 -5.36
CA ARG A 304 -10.81 -14.25 -5.13
C ARG A 304 -10.50 -14.86 -3.75
N ASP A 305 -9.74 -14.16 -2.92
CA ASP A 305 -9.41 -14.67 -1.59
C ASP A 305 -9.13 -13.56 -0.59
N LEU A 306 -10.00 -12.56 -0.59
CA LEU A 306 -9.87 -11.41 0.29
C LEU A 306 -10.37 -11.72 1.72
N ARG A 307 -9.48 -11.55 2.70
CA ARG A 307 -9.77 -11.73 4.13
C ARG A 307 -8.59 -11.17 4.93
N ALA A 308 -8.77 -10.91 6.22
CA ALA A 308 -7.71 -10.33 7.05
C ALA A 308 -6.38 -11.10 7.02
N ALA A 309 -6.48 -12.42 6.83
CA ALA A 309 -5.30 -13.27 6.77
C ALA A 309 -4.47 -12.88 5.53
N ASN A 310 -5.15 -12.33 4.51
CA ASN A 310 -4.49 -11.93 3.29
C ASN A 310 -4.20 -10.44 3.15
N ILE A 311 -4.17 -9.74 4.29
CA ILE A 311 -3.81 -8.33 4.31
C ILE A 311 -2.53 -8.30 5.16
N LEU A 312 -1.48 -7.64 4.68
CA LEU A 312 -0.22 -7.56 5.41
C LEU A 312 0.04 -6.17 5.98
N VAL A 313 0.71 -6.14 7.13
CA VAL A 313 1.00 -4.90 7.85
C VAL A 313 2.47 -4.45 7.84
N GLY A 314 2.64 -3.13 7.77
CA GLY A 314 3.97 -2.54 7.78
C GLY A 314 3.98 -1.33 8.69
N GLU A 315 5.10 -0.60 8.71
CA GLU A 315 5.24 0.59 9.55
C GLU A 315 4.19 1.66 9.23
N ASN A 316 3.87 2.48 10.23
CA ASN A 316 2.87 3.56 10.09
C ASN A 316 1.47 2.96 9.85
N LEU A 317 1.23 1.79 10.42
CA LEU A 317 -0.04 1.07 10.30
C LEU A 317 -0.41 0.87 8.84
N VAL A 318 0.60 0.70 7.99
CA VAL A 318 0.39 0.49 6.57
C VAL A 318 -0.12 -0.92 6.32
N CYS A 319 -1.17 -1.02 5.48
CA CYS A 319 -1.78 -2.30 5.14
C CYS A 319 -1.67 -2.52 3.64
N LYS A 320 -1.39 -3.76 3.23
CA LYS A 320 -1.27 -4.08 1.81
C LYS A 320 -2.02 -5.36 1.48
N VAL A 321 -2.66 -5.36 0.31
CA VAL A 321 -3.43 -6.50 -0.15
C VAL A 321 -2.49 -7.54 -0.77
N ALA A 322 -2.59 -8.77 -0.29
CA ALA A 322 -1.73 -9.87 -0.74
C ALA A 322 -2.50 -11.04 -1.33
N ASP A 323 -1.74 -12.00 -1.86
CA ASP A 323 -2.26 -13.24 -2.45
C ASP A 323 -3.42 -13.14 -3.43
N PHE A 324 -3.44 -12.10 -4.25
CA PHE A 324 -4.51 -11.94 -5.23
C PHE A 324 -4.28 -12.77 -6.51
N GLY A 325 -5.37 -13.29 -7.06
CA GLY A 325 -5.30 -14.07 -8.29
C GLY A 325 -5.01 -15.56 -8.18
N LEU A 326 -4.10 -15.93 -7.30
CA LEU A 326 -3.69 -17.32 -7.12
C LEU A 326 -4.82 -18.36 -6.95
N ALA A 327 -5.72 -18.10 -6.01
CA ALA A 327 -6.83 -19.00 -5.70
C ALA A 327 -7.48 -19.65 -6.91
N ARG A 328 -7.54 -18.90 -8.00
CA ARG A 328 -8.16 -19.39 -9.23
C ARG A 328 -7.39 -20.54 -9.87
N LEU A 329 -6.09 -20.65 -9.57
CA LEU A 329 -5.25 -21.71 -10.12
C LEU A 329 -5.30 -23.04 -9.35
N ILE A 330 -5.76 -23.01 -8.09
CA ILE A 330 -5.84 -24.22 -7.29
C ILE A 330 -6.64 -25.30 -8.01
N GLU A 331 -6.00 -26.43 -8.24
CA GLU A 331 -6.64 -27.54 -8.94
C GLU A 331 -7.38 -28.52 -8.01
N ASP A 332 -7.19 -28.37 -6.70
CA ASP A 332 -7.84 -29.22 -5.72
C ASP A 332 -9.31 -29.44 -6.09
N ASN A 333 -9.73 -30.69 -6.15
CA ASN A 333 -11.09 -31.06 -6.52
C ASN A 333 -12.19 -30.46 -5.64
N GLU A 334 -12.01 -30.52 -4.33
CA GLU A 334 -13.01 -29.97 -3.42
C GLU A 334 -12.99 -28.45 -3.45
N TYR A 335 -11.79 -27.89 -3.43
CA TYR A 335 -11.61 -26.46 -3.46
C TYR A 335 -12.20 -25.87 -4.76
N THR A 336 -12.01 -26.59 -5.86
CA THR A 336 -12.52 -26.13 -7.16
C THR A 336 -14.04 -26.09 -7.16
N ALA A 337 -14.65 -26.92 -6.32
CA ALA A 337 -16.11 -26.99 -6.21
C ALA A 337 -16.57 -26.16 -5.01
N ARG A 338 -15.76 -25.18 -4.63
CA ARG A 338 -16.05 -24.29 -3.49
C ARG A 338 -16.41 -25.08 -2.23
N GLN A 339 -15.80 -26.25 -2.09
CA GLN A 339 -16.04 -27.12 -0.94
C GLN A 339 -14.72 -27.54 -0.31
N GLY A 340 -14.82 -28.15 0.87
CA GLY A 340 -13.63 -28.63 1.56
C GLY A 340 -13.11 -27.77 2.68
N ALA A 341 -12.40 -28.41 3.59
CA ALA A 341 -11.82 -27.73 4.74
C ALA A 341 -10.76 -26.74 4.31
N LYS A 342 -10.50 -26.65 3.01
CA LYS A 342 -9.49 -25.71 2.50
C LYS A 342 -10.12 -24.47 1.87
N PHE A 343 -11.43 -24.52 1.62
CA PHE A 343 -12.12 -23.40 1.01
C PHE A 343 -12.70 -22.43 2.05
N PRO A 344 -12.41 -21.11 1.90
CA PRO A 344 -12.88 -20.06 2.80
C PRO A 344 -14.32 -19.63 2.56
N ILE A 345 -15.25 -20.56 2.75
CA ILE A 345 -16.66 -20.31 2.54
C ILE A 345 -17.24 -19.13 3.34
N LYS A 346 -16.67 -18.85 4.51
CA LYS A 346 -17.18 -17.75 5.34
C LYS A 346 -16.94 -16.35 4.75
N TRP A 347 -16.06 -16.26 3.76
CA TRP A 347 -15.78 -14.97 3.11
C TRP A 347 -16.29 -14.93 1.67
N THR A 348 -16.86 -16.04 1.22
CA THR A 348 -17.35 -16.16 -0.15
C THR A 348 -18.81 -15.78 -0.42
N ALA A 349 -19.02 -14.92 -1.41
CA ALA A 349 -20.38 -14.49 -1.79
C ALA A 349 -21.15 -15.72 -2.28
N PRO A 350 -22.45 -15.77 -2.00
CA PRO A 350 -23.24 -16.94 -2.44
C PRO A 350 -23.20 -17.29 -3.93
N GLU A 351 -23.19 -16.29 -4.82
CA GLU A 351 -23.17 -16.59 -6.25
C GLU A 351 -21.82 -17.19 -6.69
N ALA A 352 -20.77 -16.89 -5.92
CA ALA A 352 -19.43 -17.39 -6.23
C ALA A 352 -19.37 -18.86 -5.78
N ALA A 353 -19.90 -19.13 -4.60
CA ALA A 353 -19.92 -20.50 -4.06
C ALA A 353 -20.88 -21.41 -4.82
N LEU A 354 -22.09 -20.93 -5.10
CA LEU A 354 -23.08 -21.71 -5.82
C LEU A 354 -22.78 -21.93 -7.30
N TYR A 355 -22.48 -20.85 -8.01
CA TYR A 355 -22.24 -20.95 -9.45
C TYR A 355 -20.84 -20.62 -9.89
N GLY A 356 -19.92 -20.45 -8.96
CA GLY A 356 -18.57 -20.12 -9.33
C GLY A 356 -18.44 -18.76 -10.02
N ARG A 357 -19.36 -17.83 -9.76
CA ARG A 357 -19.29 -16.51 -10.36
C ARG A 357 -18.46 -15.54 -9.51
N PHE A 358 -17.14 -15.62 -9.68
CA PHE A 358 -16.21 -14.77 -8.96
C PHE A 358 -16.00 -13.49 -9.76
N THR A 359 -16.31 -12.34 -9.16
CA THR A 359 -16.19 -11.03 -9.80
C THR A 359 -15.71 -9.99 -8.76
N ILE A 360 -15.52 -8.74 -9.17
CA ILE A 360 -15.09 -7.72 -8.22
C ILE A 360 -16.22 -7.52 -7.18
N LYS A 361 -17.42 -7.92 -7.54
CA LYS A 361 -18.59 -7.80 -6.67
C LYS A 361 -18.55 -8.87 -5.59
N SER A 362 -18.04 -10.05 -5.90
CA SER A 362 -17.94 -11.06 -4.86
C SER A 362 -16.78 -10.66 -3.92
N ASP A 363 -15.83 -9.88 -4.42
CA ASP A 363 -14.72 -9.40 -3.59
C ASP A 363 -15.29 -8.35 -2.63
N VAL A 364 -16.27 -7.58 -3.11
CA VAL A 364 -16.90 -6.56 -2.27
C VAL A 364 -17.60 -7.27 -1.11
N TRP A 365 -18.26 -8.39 -1.39
CA TRP A 365 -18.90 -9.17 -0.33
C TRP A 365 -17.80 -9.58 0.68
N SER A 366 -16.68 -10.11 0.19
CA SER A 366 -15.56 -10.52 1.05
C SER A 366 -15.06 -9.37 1.92
N PHE A 367 -15.04 -8.15 1.37
CA PHE A 367 -14.57 -6.97 2.11
C PHE A 367 -15.51 -6.68 3.31
N GLY A 368 -16.80 -6.94 3.11
CA GLY A 368 -17.78 -6.74 4.17
C GLY A 368 -17.50 -7.68 5.33
N ILE A 369 -17.15 -8.93 5.01
CA ILE A 369 -16.82 -9.91 6.04
C ILE A 369 -15.53 -9.47 6.75
N LEU A 370 -14.55 -9.01 5.98
CA LEU A 370 -13.27 -8.54 6.51
C LEU A 370 -13.55 -7.41 7.50
N LEU A 371 -14.55 -6.59 7.18
CA LEU A 371 -14.94 -5.49 8.05
C LEU A 371 -15.34 -6.00 9.43
N THR A 372 -15.94 -7.19 9.51
CA THR A 372 -16.33 -7.73 10.81
C THR A 372 -15.12 -8.19 11.62
N GLU A 373 -14.08 -8.69 10.94
CA GLU A 373 -12.87 -9.13 11.64
C GLU A 373 -12.17 -7.92 12.23
N LEU A 374 -12.23 -6.80 11.51
CA LEU A 374 -11.58 -5.56 11.95
C LEU A 374 -12.25 -4.94 13.17
N THR A 375 -13.55 -5.19 13.35
CA THR A 375 -14.29 -4.63 14.48
C THR A 375 -14.52 -5.64 15.63
N THR A 376 -13.87 -6.79 15.53
CA THR A 376 -14.00 -7.85 16.53
C THR A 376 -12.65 -8.46 16.89
N LYS A 377 -11.59 -7.67 16.74
CA LYS A 377 -10.23 -8.12 17.05
C LYS A 377 -9.86 -9.44 16.37
N GLY A 378 -10.28 -9.61 15.13
CA GLY A 378 -9.95 -10.82 14.41
C GLY A 378 -10.82 -12.02 14.69
N ARG A 379 -11.96 -11.82 15.33
CA ARG A 379 -12.87 -12.92 15.63
C ARG A 379 -13.37 -13.57 14.33
N VAL A 380 -13.43 -14.90 14.31
CA VAL A 380 -13.88 -15.64 13.13
C VAL A 380 -15.34 -15.34 12.80
N PRO A 381 -15.65 -15.13 11.51
CA PRO A 381 -17.01 -14.84 11.05
C PRO A 381 -18.00 -15.94 11.45
N TYR A 382 -19.29 -15.60 11.55
CA TYR A 382 -20.33 -16.56 11.93
C TYR A 382 -19.83 -17.47 13.06
N PRO A 383 -19.47 -16.87 14.22
CA PRO A 383 -18.95 -17.56 15.42
C PRO A 383 -19.51 -18.94 15.76
N GLY A 384 -20.83 -19.08 15.78
CA GLY A 384 -21.40 -20.37 16.12
C GLY A 384 -21.72 -21.32 14.99
N MET A 385 -21.40 -20.95 13.75
CA MET A 385 -21.68 -21.82 12.62
C MET A 385 -20.48 -22.58 12.13
N VAL A 386 -20.72 -23.79 11.63
CA VAL A 386 -19.66 -24.63 11.10
C VAL A 386 -19.69 -24.41 9.58
N ASN A 387 -18.52 -24.44 8.96
CA ASN A 387 -18.39 -24.24 7.53
C ASN A 387 -19.49 -24.85 6.67
N ARG A 388 -19.79 -26.12 6.92
CA ARG A 388 -20.79 -26.85 6.15
C ARG A 388 -22.24 -26.34 6.20
N GLU A 389 -22.54 -25.38 7.08
CA GLU A 389 -23.90 -24.85 7.17
C GLU A 389 -24.01 -23.35 6.86
N VAL A 390 -22.88 -22.70 6.62
CA VAL A 390 -22.87 -21.27 6.31
C VAL A 390 -23.60 -20.86 5.03
N LEU A 391 -23.29 -21.53 3.92
CA LEU A 391 -23.90 -21.22 2.62
C LEU A 391 -25.42 -21.31 2.61
N ASP A 392 -25.97 -22.37 3.22
CA ASP A 392 -27.42 -22.53 3.26
C ASP A 392 -28.07 -21.43 4.08
N GLN A 393 -27.45 -21.06 5.19
CA GLN A 393 -27.98 -19.99 6.04
C GLN A 393 -27.96 -18.64 5.31
N VAL A 394 -26.85 -18.31 4.65
CA VAL A 394 -26.76 -17.04 3.95
C VAL A 394 -27.66 -17.01 2.72
N GLU A 395 -27.91 -18.17 2.12
CA GLU A 395 -28.77 -18.23 0.95
C GLU A 395 -30.23 -17.96 1.35
N ARG A 396 -30.56 -18.30 2.59
CA ARG A 396 -31.91 -18.07 3.09
C ARG A 396 -32.04 -16.66 3.64
N GLY A 397 -30.99 -15.86 3.47
CA GLY A 397 -31.03 -14.49 3.94
C GLY A 397 -30.33 -14.14 5.24
N TYR A 398 -29.73 -15.11 5.92
CA TYR A 398 -29.04 -14.78 7.16
C TYR A 398 -27.81 -13.92 6.91
N ARG A 399 -27.58 -12.98 7.82
CA ARG A 399 -26.43 -12.08 7.74
C ARG A 399 -26.00 -11.86 9.17
N MET A 400 -24.70 -11.71 9.39
CA MET A 400 -24.18 -11.47 10.72
C MET A 400 -24.78 -10.17 11.27
N PRO A 401 -25.07 -10.13 12.59
CA PRO A 401 -25.64 -8.92 13.20
C PRO A 401 -24.50 -7.94 13.50
N CYS A 402 -24.86 -6.71 13.88
CA CYS A 402 -23.88 -5.70 14.20
C CYS A 402 -22.98 -6.22 15.30
N PRO A 403 -21.64 -6.15 15.11
CA PRO A 403 -20.76 -6.65 16.17
C PRO A 403 -20.85 -5.81 17.44
N PRO A 404 -20.58 -6.43 18.60
CA PRO A 404 -20.65 -5.62 19.83
C PRO A 404 -19.63 -4.49 19.70
N GLU A 405 -20.01 -3.29 20.10
CA GLU A 405 -19.11 -2.14 20.04
C GLU A 405 -18.94 -1.54 18.65
N CYS A 406 -19.46 -2.19 17.62
CA CYS A 406 -19.34 -1.63 16.27
C CYS A 406 -20.50 -0.64 16.05
N PRO A 407 -20.20 0.56 15.51
CA PRO A 407 -21.30 1.49 15.28
C PRO A 407 -22.27 0.98 14.21
N GLU A 408 -23.57 1.20 14.41
CA GLU A 408 -24.57 0.75 13.46
C GLU A 408 -24.31 1.25 12.04
N SER A 409 -23.77 2.47 11.96
CA SER A 409 -23.46 3.09 10.68
C SER A 409 -22.46 2.22 9.89
N LEU A 410 -21.51 1.63 10.59
CA LEU A 410 -20.52 0.77 9.94
C LEU A 410 -21.17 -0.58 9.64
N HIS A 411 -22.07 -1.03 10.50
CA HIS A 411 -22.73 -2.30 10.23
C HIS A 411 -23.60 -2.11 8.98
N ASP A 412 -24.16 -0.93 8.79
CA ASP A 412 -24.97 -0.67 7.63
C ASP A 412 -24.14 -0.82 6.34
N LEU A 413 -22.87 -0.39 6.38
CA LEU A 413 -21.98 -0.49 5.24
C LEU A 413 -21.77 -1.96 4.88
N MET A 414 -21.53 -2.77 5.91
CA MET A 414 -21.34 -4.22 5.75
C MET A 414 -22.56 -4.81 5.06
N CYS A 415 -23.75 -4.46 5.52
CA CYS A 415 -24.98 -4.98 4.93
C CYS A 415 -25.16 -4.61 3.47
N GLN A 416 -24.58 -3.49 3.05
CA GLN A 416 -24.64 -3.06 1.65
C GLN A 416 -23.75 -3.99 0.84
N CYS A 417 -22.62 -4.37 1.42
CA CYS A 417 -21.65 -5.26 0.79
C CYS A 417 -22.19 -6.68 0.65
N TRP A 418 -23.16 -7.02 1.50
CA TRP A 418 -23.76 -8.34 1.52
C TRP A 418 -25.12 -8.42 0.83
N ARG A 419 -25.43 -7.48 -0.06
CA ARG A 419 -26.71 -7.53 -0.77
C ARG A 419 -26.74 -8.78 -1.64
N LYS A 420 -27.92 -9.37 -1.76
CA LYS A 420 -28.15 -10.57 -2.56
C LYS A 420 -27.76 -10.33 -4.03
N GLU A 421 -28.09 -9.15 -4.56
CA GLU A 421 -27.78 -8.77 -5.95
C GLU A 421 -26.38 -8.18 -6.01
N PRO A 422 -25.46 -8.88 -6.69
CA PRO A 422 -24.08 -8.40 -6.80
C PRO A 422 -23.92 -6.98 -7.31
N GLU A 423 -24.70 -6.62 -8.32
CA GLU A 423 -24.60 -5.28 -8.91
C GLU A 423 -25.16 -4.18 -8.00
N GLU A 424 -25.89 -4.56 -6.96
CA GLU A 424 -26.44 -3.61 -6.01
C GLU A 424 -25.39 -3.28 -4.94
N ARG A 425 -24.35 -4.11 -4.88
CA ARG A 425 -23.27 -3.91 -3.92
C ARG A 425 -22.43 -2.69 -4.31
N PRO A 426 -21.92 -1.92 -3.33
CA PRO A 426 -21.11 -0.76 -3.68
C PRO A 426 -19.79 -1.07 -4.38
N THR A 427 -19.21 -0.06 -5.01
CA THR A 427 -17.94 -0.21 -5.68
C THR A 427 -16.82 0.01 -4.65
N PHE A 428 -15.59 -0.35 -4.99
CA PHE A 428 -14.50 -0.13 -4.05
C PHE A 428 -14.12 1.34 -4.08
N GLU A 429 -14.48 2.03 -5.15
CA GLU A 429 -14.20 3.46 -5.25
C GLU A 429 -15.05 4.15 -4.18
N TYR A 430 -16.31 3.73 -4.09
CA TYR A 430 -17.25 4.27 -3.12
C TYR A 430 -16.80 3.93 -1.69
N LEU A 431 -16.49 2.66 -1.45
CA LEU A 431 -16.06 2.21 -0.14
C LEU A 431 -14.84 2.97 0.36
N GLN A 432 -13.89 3.27 -0.53
CA GLN A 432 -12.69 4.00 -0.15
C GLN A 432 -13.00 5.44 0.29
N ALA A 433 -13.88 6.10 -0.46
CA ALA A 433 -14.28 7.48 -0.17
C ALA A 433 -15.06 7.54 1.14
N PHE A 434 -16.01 6.63 1.30
CA PHE A 434 -16.84 6.53 2.51
C PHE A 434 -16.00 6.33 3.78
N LEU A 435 -15.05 5.40 3.71
CA LEU A 435 -14.20 5.14 4.87
C LEU A 435 -13.20 6.25 5.13
N GLU A 436 -12.64 6.85 4.07
CA GLU A 436 -11.69 7.93 4.26
C GLU A 436 -12.36 9.15 4.90
N ASP A 437 -13.61 9.41 4.53
CA ASP A 437 -14.35 10.56 5.07
C ASP A 437 -15.29 10.20 6.22
N TYR A 438 -15.19 8.97 6.75
CA TYR A 438 -16.07 8.52 7.84
C TYR A 438 -16.24 9.50 8.98
N PHE A 439 -15.11 9.93 9.55
CA PHE A 439 -15.12 10.87 10.64
C PHE A 439 -14.95 12.26 10.06
N THR A 440 -16.05 12.84 9.60
CA THR A 440 -16.07 14.17 9.00
C THR A 440 -14.71 14.69 8.52
N SER A 441 -14.37 14.38 7.27
CA SER A 441 -13.11 14.80 6.67
C SER A 441 -12.93 14.35 5.21
N THR A 442 -13.69 14.96 4.30
CA THR A 442 -13.61 14.61 2.86
C THR A 442 -12.29 15.08 2.22
N GLU A 443 -11.27 15.19 3.07
CA GLU A 443 -9.94 15.63 2.67
C GLU A 443 -9.87 17.07 2.16
N PRO A 444 -10.72 17.96 2.69
CA PRO A 444 -10.72 19.35 2.25
C PRO A 444 -10.07 20.23 3.32
N GLN A 445 -10.40 21.51 3.29
CA GLN A 445 -9.89 22.47 4.26
C GLN A 445 -8.38 22.74 4.20
N GLN A 447 -5.66 25.88 5.44
CA GLN A 447 -5.62 27.08 6.26
C GLN A 447 -5.77 28.32 5.36
N PRO A 448 -6.24 29.44 5.91
CA PRO A 448 -6.40 30.66 5.10
C PRO A 448 -5.07 31.32 4.74
N GLY A 449 -4.26 31.66 5.75
CA GLY A 449 -2.98 32.28 5.49
C GLY A 449 -2.26 32.82 6.72
N GLU A 450 -2.65 34.02 7.17
CA GLU A 450 -2.05 34.67 8.33
C GLU A 450 -2.95 34.57 9.57
N ASN A 451 -2.56 33.70 10.50
CA ASN A 451 -3.32 33.49 11.73
C ASN A 451 -3.02 34.52 12.82
N LEU A 452 -1.96 35.30 12.63
CA LEU A 452 -1.55 36.33 13.58
C LEU A 452 -0.57 37.30 12.91
#